data_2NXJ
#
_entry.id   2NXJ
#
_cell.length_a   124.195
_cell.length_b   153.622
_cell.length_c   33.255
_cell.angle_alpha   90.00
_cell.angle_beta   90.00
_cell.angle_gamma   90.00
#
_symmetry.space_group_name_H-M   'P 21 21 2'
#
loop_
_entity.id
_entity.type
_entity.pdbx_description
1 polymer 'Ribosomal protein L11 methyltransferase'
2 water water
#
_entity_poly.entity_id   1
_entity_poly.type   'polypeptide(L)'
_entity_poly.pdbx_seq_one_letter_code
;MWVYRLKGTLEALDPILPGLFDGGARGLWEREGEVWAFFPAPVDLPYEGVWEEVGDEDWLEAWRRDLKPALAPPFVVLAP
WHTWEGAEIPLVIEPGMAFGTGHHETTRLALKALARHLRPGDKVLDLGTGSGVLAIAAEKLGGKALGVDIDPMVLPQAEA
NAKRNGVRPRFLEGSLEAALPFGPFDLLVANLYAELHAALAPRYREALVPGGRALLTGILKDRAPLVREAMAGAGFRPLE
EAAEGEWVLLAYGR
;
_entity_poly.pdbx_strand_id   A,B
#
# COMPACT_ATOMS: atom_id res chain seq x y z
N MET A 1 -6.57 1.79 -18.02
CA MET A 1 -6.41 1.77 -19.50
C MET A 1 -6.17 0.36 -20.08
N TRP A 2 -6.13 0.26 -21.41
CA TRP A 2 -6.04 -1.03 -22.13
C TRP A 2 -4.64 -1.33 -22.67
N VAL A 3 -4.33 -2.62 -22.83
CA VAL A 3 -3.09 -3.07 -23.47
C VAL A 3 -3.35 -4.11 -24.60
N TYR A 4 -2.43 -4.15 -25.57
CA TYR A 4 -2.51 -5.07 -26.68
C TYR A 4 -1.25 -5.92 -26.61
N ARG A 5 -1.42 -7.24 -26.63
CA ARG A 5 -0.31 -8.16 -26.45
C ARG A 5 0.06 -8.86 -27.74
N LEU A 6 1.28 -8.62 -28.21
CA LEU A 6 1.77 -9.20 -29.46
C LEU A 6 2.97 -10.12 -29.26
N LYS A 7 3.00 -11.20 -30.04
CA LYS A 7 4.12 -12.14 -30.03
C LYS A 7 5.33 -11.52 -30.75
N GLY A 8 6.46 -11.49 -30.05
CA GLY A 8 7.72 -11.05 -30.62
C GLY A 8 8.48 -10.03 -29.78
N THR A 9 9.45 -9.37 -30.42
CA THR A 9 10.25 -8.32 -29.79
C THR A 9 9.88 -6.94 -30.40
N LEU A 10 10.58 -5.88 -30.00
CA LEU A 10 10.39 -4.55 -30.57
C LEU A 10 11.10 -4.41 -31.93
N GLU A 11 12.35 -4.84 -31.98
CA GLU A 11 13.11 -4.91 -33.22
C GLU A 11 12.32 -5.67 -34.30
N ALA A 12 11.72 -6.81 -33.93
CA ALA A 12 10.97 -7.66 -34.87
C ALA A 12 9.61 -7.08 -35.30
N LEU A 13 8.97 -6.33 -34.41
CA LEU A 13 7.65 -5.73 -34.69
C LEU A 13 7.72 -4.27 -35.12
N ASP A 14 8.94 -3.76 -35.25
CA ASP A 14 9.15 -2.39 -35.72
C ASP A 14 8.24 -2.06 -36.92
N PRO A 15 8.09 -3.01 -37.91
CA PRO A 15 7.19 -2.73 -39.07
C PRO A 15 5.69 -2.46 -38.77
N ILE A 16 5.15 -3.03 -37.70
CA ILE A 16 3.74 -2.79 -37.37
C ILE A 16 3.53 -1.69 -36.30
N LEU A 17 4.63 -1.10 -35.81
CA LEU A 17 4.56 0.00 -34.82
C LEU A 17 3.86 1.25 -35.34
N PRO A 18 4.06 1.62 -36.63
CA PRO A 18 3.30 2.75 -37.17
C PRO A 18 1.79 2.54 -37.04
N GLY A 19 1.35 1.29 -37.15
CA GLY A 19 -0.06 0.93 -36.98
C GLY A 19 -0.52 1.01 -35.53
N LEU A 20 0.37 0.70 -34.60
CA LEU A 20 0.10 0.83 -33.17
C LEU A 20 -0.06 2.30 -32.78
N PHE A 21 0.89 3.13 -33.22
CA PHE A 21 0.93 4.58 -32.94
C PHE A 21 -0.28 5.30 -33.51
N ASP A 22 -0.61 5.02 -34.78
CA ASP A 22 -1.71 5.67 -35.46
C ASP A 22 -3.03 5.21 -34.87
N GLY A 23 -3.07 3.94 -34.48
CA GLY A 23 -4.21 3.38 -33.76
C GLY A 23 -4.43 4.03 -32.39
N GLY A 24 -3.35 4.54 -31.79
CA GLY A 24 -3.44 5.26 -30.52
C GLY A 24 -2.53 4.82 -29.37
N ALA A 25 -1.45 4.11 -29.68
CA ALA A 25 -0.49 3.65 -28.66
C ALA A 25 0.30 4.81 -28.03
N ARG A 26 0.38 4.82 -26.71
CA ARG A 26 1.05 5.88 -25.97
C ARG A 26 2.30 5.36 -25.27
N GLY A 27 2.41 4.04 -25.16
CA GLY A 27 3.60 3.42 -24.61
C GLY A 27 3.79 1.98 -25.03
N LEU A 28 5.05 1.56 -25.12
CA LEU A 28 5.41 0.18 -25.48
C LEU A 28 6.32 -0.39 -24.41
N TRP A 29 6.23 -1.71 -24.21
CA TRP A 29 7.05 -2.43 -23.22
C TRP A 29 7.22 -3.90 -23.61
N GLU A 30 8.48 -4.31 -23.74
CA GLU A 30 8.87 -5.64 -24.20
C GLU A 30 9.00 -6.60 -23.02
N ARG A 31 7.99 -7.42 -22.83
CA ARG A 31 8.00 -8.36 -21.72
C ARG A 31 8.40 -9.74 -22.22
N GLU A 32 9.70 -9.86 -22.51
CA GLU A 32 10.35 -11.15 -22.85
C GLU A 32 9.56 -12.04 -23.82
N GLY A 33 9.79 -11.83 -25.12
CA GLY A 33 9.14 -12.61 -26.17
C GLY A 33 7.72 -12.18 -26.49
N GLU A 34 7.35 -11.02 -25.94
CA GLU A 34 6.08 -10.38 -26.22
C GLU A 34 6.26 -8.88 -26.11
N VAL A 35 5.35 -8.13 -26.73
CA VAL A 35 5.30 -6.69 -26.60
C VAL A 35 3.91 -6.28 -26.13
N TRP A 36 3.88 -5.52 -25.04
CA TRP A 36 2.63 -4.99 -24.51
C TRP A 36 2.53 -3.51 -24.90
N ALA A 37 1.53 -3.19 -25.70
CA ALA A 37 1.32 -1.82 -26.17
C ALA A 37 0.22 -1.10 -25.38
N PHE A 38 0.60 -0.01 -24.69
CA PHE A 38 -0.32 0.74 -23.83
C PHE A 38 -1.17 1.75 -24.60
N PHE A 39 -2.45 1.42 -24.79
CA PHE A 39 -3.43 2.30 -25.42
C PHE A 39 -4.30 2.96 -24.34
N PRO A 40 -5.00 4.05 -24.69
CA PRO A 40 -6.02 4.54 -23.75
C PRO A 40 -7.36 3.78 -23.89
N ALA A 41 -7.62 3.27 -25.08
CA ALA A 41 -8.89 2.63 -25.43
C ALA A 41 -8.68 1.68 -26.62
N PRO A 42 -9.51 0.62 -26.74
CA PRO A 42 -9.32 -0.40 -27.77
C PRO A 42 -9.64 0.06 -29.21
N VAL A 43 -8.88 -0.46 -30.17
CA VAL A 43 -9.12 -0.20 -31.60
C VAL A 43 -9.03 -1.49 -32.42
N ASP A 44 -9.66 -1.48 -33.59
CA ASP A 44 -9.58 -2.59 -34.53
C ASP A 44 -8.14 -2.76 -35.03
N LEU A 45 -7.54 -3.92 -34.76
CA LEU A 45 -6.18 -4.22 -35.22
C LEU A 45 -6.02 -5.61 -35.84
N PRO A 46 -5.40 -5.68 -37.04
CA PRO A 46 -5.27 -6.91 -37.83
C PRO A 46 -3.92 -7.63 -37.63
N TYR A 47 -3.38 -7.58 -36.41
CA TYR A 47 -2.07 -8.17 -36.15
C TYR A 47 -2.16 -9.48 -35.34
N GLU A 48 -3.38 -9.80 -34.92
CA GLU A 48 -3.65 -11.01 -34.13
C GLU A 48 -2.88 -11.06 -32.80
N GLY A 49 -3.31 -10.19 -31.88
CA GLY A 49 -2.83 -10.19 -30.51
C GLY A 49 -4.04 -10.23 -29.59
N VAL A 50 -3.83 -9.96 -28.31
CA VAL A 50 -4.92 -10.04 -27.32
C VAL A 50 -5.11 -8.76 -26.49
N TRP A 51 -6.31 -8.19 -26.60
CA TRP A 51 -6.73 -7.06 -25.77
C TRP A 51 -6.92 -7.46 -24.31
N GLU A 52 -6.57 -6.53 -23.41
CA GLU A 52 -6.52 -6.76 -21.97
C GLU A 52 -6.66 -5.39 -21.27
N GLU A 53 -6.96 -5.39 -19.97
CA GLU A 53 -7.17 -4.16 -19.23
C GLU A 53 -6.46 -4.17 -17.88
N VAL A 54 -5.91 -3.02 -17.48
CA VAL A 54 -5.18 -2.91 -16.19
C VAL A 54 -5.74 -1.82 -15.27
N GLU A 57 -4.98 -0.59 -9.63
CA GLU A 57 -5.13 -1.67 -8.65
C GLU A 57 -4.61 -3.01 -9.16
N ASP A 58 -4.23 -3.05 -10.44
CA ASP A 58 -3.68 -4.25 -11.07
C ASP A 58 -2.16 -4.15 -11.16
N TRP A 59 -1.65 -2.91 -11.18
CA TRP A 59 -0.22 -2.65 -11.05
C TRP A 59 0.23 -2.80 -9.58
N LEU A 60 -0.60 -3.44 -8.78
CA LEU A 60 -0.33 -3.63 -7.36
C LEU A 60 0.09 -5.06 -7.05
N GLU A 61 -0.85 -6.01 -7.00
CA GLU A 61 -0.44 -7.41 -6.78
C GLU A 61 0.17 -7.95 -8.08
N ALA A 62 0.91 -7.07 -8.75
CA ALA A 62 1.86 -7.43 -9.81
C ALA A 62 3.25 -7.06 -9.29
N TRP A 63 3.34 -5.88 -8.66
CA TRP A 63 4.51 -5.40 -7.93
C TRP A 63 4.74 -6.27 -6.70
N ARG A 64 3.68 -6.46 -5.92
CA ARG A 64 3.67 -7.33 -4.75
C ARG A 64 4.17 -8.77 -5.02
N ARG A 65 3.98 -9.26 -6.25
CA ARG A 65 4.48 -10.59 -6.64
C ARG A 65 6.00 -10.56 -6.78
N ASP A 66 6.52 -9.45 -7.30
CA ASP A 66 7.98 -9.29 -7.46
C ASP A 66 8.68 -8.74 -6.21
N LEU A 67 8.00 -8.81 -5.06
CA LEU A 67 8.57 -8.33 -3.79
C LEU A 67 9.18 -9.45 -2.96
N LYS A 68 10.46 -9.29 -2.61
CA LYS A 68 11.22 -10.36 -1.97
C LYS A 68 11.51 -9.96 -0.54
N PRO A 69 11.66 -10.95 0.37
CA PRO A 69 12.11 -10.67 1.74
C PRO A 69 13.47 -10.03 1.72
N ALA A 70 13.76 -9.19 2.69
CA ALA A 70 15.04 -8.51 2.76
C ALA A 70 15.80 -8.97 3.99
N LEU A 71 16.94 -9.62 3.80
CA LEU A 71 17.72 -10.09 4.95
C LEU A 71 18.59 -9.00 5.56
N ALA A 72 18.53 -8.86 6.89
CA ALA A 72 19.47 -8.01 7.66
C ALA A 72 19.81 -8.75 8.93
N PRO A 73 20.63 -9.83 8.80
CA PRO A 73 20.92 -10.73 9.94
C PRO A 73 21.22 -9.96 11.22
N PRO A 74 20.53 -10.27 12.35
CA PRO A 74 19.68 -11.44 12.68
C PRO A 74 18.24 -11.44 12.13
N PHE A 75 17.76 -10.31 11.60
CA PHE A 75 16.39 -10.11 11.13
C PHE A 75 16.14 -10.47 9.66
N VAL A 76 14.88 -10.80 9.34
CA VAL A 76 14.39 -10.82 7.93
C VAL A 76 13.15 -9.90 7.84
N VAL A 77 13.10 -9.03 6.84
CA VAL A 77 11.92 -8.18 6.63
C VAL A 77 10.99 -8.80 5.59
N LEU A 78 9.80 -9.11 6.08
CA LEU A 78 8.78 -9.83 5.31
C LEU A 78 7.54 -8.97 5.12
N ALA A 79 7.01 -8.96 3.91
CA ALA A 79 5.63 -8.53 3.65
C ALA A 79 4.70 -9.57 4.30
N PRO A 80 3.45 -9.18 4.64
CA PRO A 80 2.51 -10.08 5.33
C PRO A 80 2.22 -11.40 4.61
N TRP A 81 2.49 -11.47 3.30
CA TRP A 81 2.10 -12.63 2.54
C TRP A 81 3.23 -13.58 2.32
N HIS A 82 4.44 -13.23 2.79
CA HIS A 82 5.64 -14.02 2.59
C HIS A 82 5.75 -15.15 3.57
N THR A 83 6.21 -16.29 3.06
CA THR A 83 6.52 -17.43 3.93
C THR A 83 8.04 -17.54 3.97
N TRP A 84 8.52 -17.90 5.13
CA TRP A 84 9.93 -17.88 5.38
C TRP A 84 10.18 -18.76 6.56
N GLU A 85 11.00 -19.79 6.40
CA GLU A 85 11.34 -20.60 7.57
C GLU A 85 12.77 -20.36 7.99
N GLY A 86 13.01 -20.53 9.28
CA GLY A 86 14.34 -20.60 9.82
C GLY A 86 14.46 -19.99 11.19
N ALA A 87 15.54 -19.28 11.40
CA ALA A 87 15.76 -18.71 12.73
C ALA A 87 16.02 -17.21 12.71
N GLU A 88 15.90 -16.52 11.55
CA GLU A 88 16.06 -15.06 11.55
C GLU A 88 14.94 -14.51 12.43
N ILE A 89 15.08 -13.28 12.96
CA ILE A 89 14.01 -12.67 13.73
C ILE A 89 13.11 -11.99 12.69
N PRO A 90 11.83 -12.45 12.59
CA PRO A 90 11.01 -11.90 11.53
C PRO A 90 10.48 -10.51 11.89
N LEU A 91 10.31 -9.69 10.88
CA LEU A 91 9.72 -8.38 11.06
C LEU A 91 8.69 -8.28 9.96
N VAL A 92 7.41 -8.48 10.29
CA VAL A 92 6.35 -8.43 9.27
C VAL A 92 5.85 -6.96 9.06
N ILE A 93 6.12 -6.42 7.86
CA ILE A 93 5.90 -5.01 7.54
C ILE A 93 5.04 -4.89 6.29
N GLU A 94 3.90 -4.22 6.36
CA GLU A 94 3.17 -3.90 5.13
C GLU A 94 3.90 -2.99 4.16
N PRO A 95 4.16 -3.45 2.93
CA PRO A 95 4.92 -2.59 2.02
C PRO A 95 4.12 -1.40 1.48
N GLY A 96 3.07 -0.98 2.19
CA GLY A 96 2.20 0.15 1.80
C GLY A 96 2.87 1.41 1.27
N GLY A 102 11.07 -1.66 5.52
CA GLY A 102 11.56 -1.76 4.15
C GLY A 102 12.94 -2.40 4.03
N HIS A 103 13.43 -2.50 2.78
CA HIS A 103 14.82 -2.91 2.48
C HIS A 103 15.57 -1.72 1.86
N HIS A 104 15.49 -0.56 2.50
CA HIS A 104 16.49 0.40 2.15
C HIS A 104 17.80 -0.02 2.83
N GLU A 105 18.93 0.35 2.22
CA GLU A 105 20.24 0.20 2.85
C GLU A 105 20.27 0.73 4.27
N THR A 106 19.65 1.89 4.49
CA THR A 106 19.67 2.56 5.79
C THR A 106 18.85 1.86 6.84
N THR A 107 17.69 1.35 6.44
CA THR A 107 16.99 0.37 7.25
C THR A 107 17.87 -0.86 7.59
N ARG A 108 18.51 -1.46 6.58
CA ARG A 108 19.38 -2.62 6.83
C ARG A 108 20.48 -2.28 7.88
N LEU A 109 21.16 -1.14 7.67
CA LEU A 109 22.19 -0.64 8.59
C LEU A 109 21.67 -0.45 10.03
N ALA A 110 20.47 0.15 10.15
CA ALA A 110 19.90 0.45 11.48
C ALA A 110 19.55 -0.81 12.22
N LEU A 111 18.94 -1.76 11.51
CA LEU A 111 18.60 -3.07 12.12
C LEU A 111 19.84 -3.81 12.63
N LYS A 112 20.86 -3.90 11.80
CA LYS A 112 22.16 -4.48 12.22
C LYS A 112 22.71 -3.87 13.49
N ALA A 113 22.70 -2.55 13.58
CA ALA A 113 23.27 -1.81 14.68
C ALA A 113 22.45 -1.88 15.96
N LEU A 114 21.12 -1.93 15.81
CA LEU A 114 20.25 -2.19 16.93
C LEU A 114 20.59 -3.52 17.54
N ALA A 115 20.87 -4.48 16.68
CA ALA A 115 21.19 -5.85 17.12
C ALA A 115 22.53 -5.89 17.87
N ARG A 116 23.54 -5.19 17.36
CA ARG A 116 24.84 -4.97 18.05
C ARG A 116 24.71 -4.17 19.32
N HIS A 117 23.96 -3.07 19.30
CA HIS A 117 24.04 -2.07 20.38
C HIS A 117 22.99 -2.18 21.46
N LEU A 118 21.84 -2.74 21.11
CA LEU A 118 20.72 -2.81 22.03
C LEU A 118 20.95 -3.86 23.12
N ARG A 119 20.45 -3.56 24.31
CA ARG A 119 20.61 -4.39 25.49
C ARG A 119 19.21 -4.64 26.09
N PRO A 120 18.85 -5.91 26.40
CA PRO A 120 17.46 -6.16 26.82
C PRO A 120 17.03 -5.28 27.97
N GLY A 121 15.88 -4.63 27.85
CA GLY A 121 15.41 -3.72 28.89
C GLY A 121 15.68 -2.24 28.59
N ASP A 122 16.53 -1.98 27.60
CA ASP A 122 16.81 -0.61 27.20
C ASP A 122 15.52 0.02 26.77
N LYS A 123 15.33 1.28 27.14
CA LYS A 123 14.25 2.11 26.62
C LYS A 123 14.74 2.74 25.32
N VAL A 124 14.02 2.47 24.23
CA VAL A 124 14.38 2.90 22.87
C VAL A 124 13.46 4.00 22.30
N LEU A 125 14.06 5.06 21.76
CA LEU A 125 13.37 6.05 20.95
C LEU A 125 13.76 5.88 19.48
N ASP A 126 12.75 5.63 18.65
CA ASP A 126 12.90 5.61 17.20
C ASP A 126 12.28 6.87 16.68
N LEU A 127 13.14 7.76 16.20
CA LEU A 127 12.77 9.06 15.73
C LEU A 127 12.48 9.03 14.21
N GLY A 128 11.29 9.46 13.78
CA GLY A 128 10.97 9.42 12.35
C GLY A 128 10.67 8.00 12.00
N THR A 129 9.83 7.39 12.83
CA THR A 129 9.53 5.97 12.82
C THR A 129 8.85 5.36 11.60
N GLY A 130 8.04 6.15 10.87
CA GLY A 130 7.46 5.78 9.59
C GLY A 130 6.54 4.59 9.86
N SER A 131 6.74 3.54 9.05
CA SER A 131 6.17 2.17 9.22
C SER A 131 6.40 1.55 10.60
N GLY A 132 7.30 2.07 11.41
CA GLY A 132 7.54 1.53 12.78
C GLY A 132 8.53 0.38 12.88
N VAL A 133 9.17 0.06 11.76
CA VAL A 133 10.03 -1.11 11.65
C VAL A 133 11.17 -1.16 12.67
N LEU A 134 11.85 -0.03 12.89
CA LEU A 134 12.97 -0.03 13.81
C LEU A 134 12.45 -0.16 15.21
N ALA A 135 11.29 0.41 15.54
CA ALA A 135 10.79 0.29 16.94
C ALA A 135 10.29 -1.13 17.17
N ILE A 136 9.81 -1.77 16.09
CA ILE A 136 9.39 -3.15 16.17
C ILE A 136 10.57 -4.12 16.42
N ALA A 137 11.61 -3.99 15.60
CA ALA A 137 12.90 -4.67 15.77
C ALA A 137 13.44 -4.55 17.19
N ALA A 138 13.46 -3.35 17.73
CA ALA A 138 13.97 -3.09 19.07
C ALA A 138 13.24 -3.86 20.16
N GLU A 139 11.91 -3.99 20.05
CA GLU A 139 11.10 -4.75 21.04
C GLU A 139 11.41 -6.24 20.91
N LYS A 140 11.68 -6.66 19.68
CA LYS A 140 12.00 -8.05 19.41
C LYS A 140 13.39 -8.50 19.90
N LEU A 141 14.33 -7.55 20.00
CA LEU A 141 15.64 -7.78 20.61
C LEU A 141 15.56 -7.58 22.11
N GLY A 142 14.39 -7.18 22.62
CA GLY A 142 14.14 -7.05 24.08
C GLY A 142 14.13 -5.65 24.69
N GLY A 143 13.98 -4.62 23.86
CA GLY A 143 13.83 -3.27 24.38
C GLY A 143 12.38 -2.87 24.59
N LYS A 144 12.15 -1.70 25.15
CA LYS A 144 10.83 -1.13 25.19
C LYS A 144 10.93 0.15 24.38
N ALA A 145 10.26 0.17 23.23
CA ALA A 145 10.44 1.22 22.22
C ALA A 145 9.28 2.21 22.14
N LEU A 146 9.63 3.47 21.91
CA LEU A 146 8.66 4.49 21.54
C LEU A 146 9.05 5.00 20.14
N GLY A 147 8.13 4.93 19.18
CA GLY A 147 8.32 5.51 17.87
C GLY A 147 7.49 6.78 17.79
N VAL A 148 8.08 7.84 17.26
CA VAL A 148 7.34 9.07 17.02
C VAL A 148 7.53 9.45 15.57
N ASP A 149 6.55 10.15 15.03
CA ASP A 149 6.61 10.66 13.66
C ASP A 149 5.67 11.89 13.52
N ILE A 150 5.98 12.80 12.61
CA ILE A 150 5.18 14.04 12.53
C ILE A 150 3.97 13.86 11.58
N ASP A 151 3.93 12.74 10.87
CA ASP A 151 2.79 12.43 10.03
C ASP A 151 1.88 11.53 10.86
N PRO A 152 0.76 12.09 11.41
CA PRO A 152 -0.17 11.33 12.26
C PRO A 152 -0.90 10.22 11.49
N MET A 153 -0.80 10.26 10.16
CA MET A 153 -1.38 9.30 9.27
C MET A 153 -0.55 8.01 9.13
N VAL A 154 0.76 8.04 9.44
CA VAL A 154 1.57 6.81 9.52
C VAL A 154 1.38 6.00 10.80
N LEU A 155 0.93 6.62 11.88
CA LEU A 155 0.91 5.90 13.16
C LEU A 155 -0.04 4.67 13.22
N PRO A 156 -1.29 4.78 12.71
CA PRO A 156 -2.13 3.57 12.64
C PRO A 156 -1.51 2.46 11.82
N GLN A 157 -0.77 2.83 10.77
CA GLN A 157 -0.02 1.86 9.99
C GLN A 157 1.12 1.21 10.80
N ALA A 158 1.75 1.99 11.67
CA ALA A 158 2.83 1.52 12.53
C ALA A 158 2.24 0.61 13.59
N GLU A 159 1.10 0.98 14.14
CA GLU A 159 0.57 0.10 15.15
C GLU A 159 -0.03 -1.20 14.58
N ALA A 160 -0.48 -1.16 13.31
CA ALA A 160 -0.93 -2.36 12.63
C ALA A 160 0.22 -3.32 12.42
N ASN A 161 1.35 -2.83 11.89
CA ASN A 161 2.58 -3.60 11.77
C ASN A 161 3.02 -4.17 13.12
N ALA A 162 3.05 -3.36 14.16
CA ALA A 162 3.28 -3.97 15.50
C ALA A 162 2.38 -5.18 15.79
N LYS A 163 1.10 -5.09 15.44
CA LYS A 163 0.16 -6.18 15.74
C LYS A 163 0.53 -7.49 15.07
N ARG A 164 1.02 -7.42 13.83
CA ARG A 164 1.52 -8.54 13.06
C ARG A 164 2.83 -9.14 13.55
N ASN A 165 3.42 -8.52 14.54
CA ASN A 165 4.73 -8.96 15.02
C ASN A 165 4.59 -9.37 16.49
N GLY A 166 3.37 -9.28 17.01
CA GLY A 166 3.09 -9.65 18.41
C GLY A 166 3.91 -8.90 19.45
N VAL A 167 4.17 -7.62 19.20
CA VAL A 167 4.85 -6.76 20.16
C VAL A 167 4.06 -5.45 20.20
N ARG A 168 4.21 -4.68 21.26
CA ARG A 168 3.54 -3.40 21.26
C ARG A 168 4.36 -2.22 21.71
N PRO A 169 5.24 -1.71 20.80
CA PRO A 169 5.89 -0.44 21.02
C PRO A 169 4.81 0.61 20.90
N ARG A 170 5.08 1.78 21.46
CA ARG A 170 4.09 2.85 21.52
C ARG A 170 4.41 3.77 20.41
N PHE A 171 3.37 4.35 19.83
CA PHE A 171 3.54 5.25 18.70
C PHE A 171 2.83 6.55 18.94
N LEU A 172 3.60 7.64 19.00
CA LEU A 172 3.05 8.99 19.22
C LEU A 172 3.34 9.95 18.07
N GLU A 173 2.46 10.91 17.85
CA GLU A 173 2.72 11.96 16.86
C GLU A 173 3.57 13.09 17.46
N GLY A 174 4.58 13.54 16.70
CA GLY A 174 5.52 14.56 17.13
C GLY A 174 6.94 14.24 16.68
N SER A 175 7.86 15.20 16.90
CA SER A 175 9.31 14.97 16.74
C SER A 175 9.95 14.74 18.11
N LEU A 176 11.24 15.05 18.22
CA LEU A 176 12.05 14.79 19.39
C LEU A 176 11.39 15.34 20.63
N GLU A 177 10.89 16.55 20.54
CA GLU A 177 10.32 17.26 21.66
C GLU A 177 9.13 16.50 22.26
N ALA A 178 8.25 15.95 21.42
CA ALA A 178 7.11 15.19 21.90
C ALA A 178 7.53 13.97 22.69
N ALA A 179 8.69 13.40 22.34
CA ALA A 179 9.23 12.17 22.97
C ALA A 179 9.94 12.35 24.30
N LEU A 180 10.53 13.53 24.50
CA LEU A 180 11.31 13.78 25.73
C LEU A 180 10.57 13.55 27.07
N PRO A 181 9.30 13.98 27.22
CA PRO A 181 8.57 13.64 28.46
C PRO A 181 8.59 12.17 28.92
N PHE A 182 8.99 11.26 28.02
CA PHE A 182 8.92 9.81 28.25
C PHE A 182 10.29 9.15 28.43
N GLY A 183 11.32 9.98 28.36
CA GLY A 183 12.67 9.54 28.59
C GLY A 183 13.18 9.97 29.97
N PRO A 184 14.51 10.08 30.13
CA PRO A 184 15.55 9.81 29.10
C PRO A 184 15.58 8.36 28.59
N PHE A 185 16.24 8.15 27.47
CA PHE A 185 16.27 6.85 26.80
C PHE A 185 17.67 6.28 26.82
N ASP A 186 17.78 4.96 26.69
CA ASP A 186 19.07 4.27 26.65
C ASP A 186 19.58 4.19 25.22
N LEU A 187 18.67 4.17 24.26
CA LEU A 187 19.06 4.16 22.88
C LEU A 187 18.10 5.00 22.05
N LEU A 188 18.69 5.67 21.05
CA LEU A 188 18.04 6.49 20.10
C LEU A 188 18.45 5.95 18.74
N VAL A 189 17.47 5.63 17.93
CA VAL A 189 17.74 5.24 16.55
C VAL A 189 16.96 6.22 15.72
N ALA A 190 17.54 6.66 14.59
CA ALA A 190 17.05 7.79 13.78
C ALA A 190 17.56 7.75 12.31
N ASN A 191 16.73 7.25 11.40
CA ASN A 191 17.04 7.19 9.98
C ASN A 191 16.46 8.50 9.35
N LEU A 192 17.27 9.57 9.37
CA LEU A 192 16.84 10.89 9.05
C LEU A 192 17.77 11.32 7.92
N TYR A 193 18.54 12.38 8.13
CA TYR A 193 19.52 12.83 7.16
C TYR A 193 20.46 13.78 7.89
N ALA A 194 21.58 14.07 7.23
CA ALA A 194 22.76 14.70 7.84
C ALA A 194 22.47 16.05 8.43
N GLU A 195 21.78 16.86 7.67
CA GLU A 195 21.52 18.24 8.07
C GLU A 195 20.60 18.30 9.34
N LEU A 196 19.72 17.30 9.50
CA LEU A 196 18.78 17.24 10.61
C LEU A 196 19.44 16.63 11.85
N HIS A 197 20.15 15.54 11.69
CA HIS A 197 21.08 15.10 12.72
C HIS A 197 21.95 16.25 13.22
N ALA A 198 22.61 16.96 12.30
CA ALA A 198 23.46 18.08 12.77
C ALA A 198 22.62 19.07 13.57
N ALA A 199 21.48 19.51 13.02
CA ALA A 199 20.56 20.42 13.74
C ALA A 199 20.10 19.88 15.08
N LEU A 200 19.94 18.56 15.20
CA LEU A 200 19.39 17.93 16.41
C LEU A 200 20.41 17.44 17.47
N ALA A 201 21.66 17.26 17.08
CA ALA A 201 22.76 16.79 17.97
C ALA A 201 22.76 17.19 19.48
N PRO A 202 22.54 18.50 19.86
CA PRO A 202 22.43 18.87 21.29
C PRO A 202 21.21 18.27 22.03
N ARG A 203 20.06 18.25 21.38
CA ARG A 203 18.88 17.61 21.97
C ARG A 203 18.97 16.06 22.05
N TYR A 204 19.76 15.43 21.17
CA TYR A 204 20.08 13.98 21.29
C TYR A 204 20.84 13.70 22.57
N ARG A 205 21.72 14.61 22.97
CA ARG A 205 22.44 14.50 24.23
C ARG A 205 21.49 14.53 25.42
N GLU A 206 20.60 15.52 25.45
CA GLU A 206 19.53 15.59 26.45
C GLU A 206 18.59 14.36 26.53
N ALA A 207 18.31 13.73 25.38
CA ALA A 207 17.37 12.60 25.27
C ALA A 207 17.90 11.32 25.91
N LEU A 208 19.22 11.22 26.06
CA LEU A 208 19.89 9.96 26.38
C LEU A 208 20.52 10.01 27.75
N VAL A 209 20.42 8.92 28.49
CA VAL A 209 21.13 8.76 29.78
C VAL A 209 22.63 8.60 29.54
N PRO A 210 23.44 8.96 30.55
CA PRO A 210 24.89 8.65 30.50
C PRO A 210 25.11 7.17 30.14
N GLY A 211 25.97 6.94 29.16
CA GLY A 211 26.17 5.59 28.62
C GLY A 211 25.13 5.18 27.58
N GLY A 212 24.22 6.09 27.22
CA GLY A 212 23.23 5.86 26.15
C GLY A 212 23.87 5.90 24.77
N ARG A 213 23.25 5.31 23.77
CA ARG A 213 23.85 5.27 22.41
C ARG A 213 22.88 5.86 21.43
N ALA A 214 23.38 6.54 20.41
CA ALA A 214 22.55 7.14 19.39
C ALA A 214 23.00 6.49 18.11
N LEU A 215 22.06 5.94 17.34
CA LEU A 215 22.40 5.26 16.12
C LEU A 215 21.79 6.07 15.02
N LEU A 216 22.64 6.66 14.20
CA LEU A 216 22.21 7.72 13.29
C LEU A 216 22.43 7.28 11.85
N THR A 217 21.38 7.25 11.04
CA THR A 217 21.51 6.86 9.62
C THR A 217 20.67 7.78 8.73
N GLY A 218 20.64 7.44 7.45
CA GLY A 218 19.97 8.20 6.43
C GLY A 218 20.97 9.14 5.82
N ILE A 219 22.25 8.94 6.17
CA ILE A 219 23.34 9.87 5.92
C ILE A 219 24.15 9.48 4.63
N LEU A 220 24.27 10.38 3.66
CA LEU A 220 25.08 10.10 2.47
C LEU A 220 26.54 10.10 2.87
N LYS A 221 27.35 9.20 2.30
CA LYS A 221 28.80 9.15 2.61
C LYS A 221 29.42 10.53 2.60
N ASP A 222 29.19 11.24 1.50
CA ASP A 222 29.71 12.58 1.28
C ASP A 222 29.40 13.52 2.42
N ARG A 223 28.15 13.44 2.89
CA ARG A 223 27.61 14.40 3.87
C ARG A 223 27.89 14.03 5.34
N ALA A 224 28.46 12.83 5.55
CA ALA A 224 28.79 12.36 6.90
C ALA A 224 29.58 13.34 7.79
N PRO A 225 30.56 14.09 7.22
CA PRO A 225 31.35 15.01 8.08
C PRO A 225 30.57 16.04 8.88
N LEU A 226 29.45 16.54 8.32
CA LEU A 226 28.48 17.43 9.01
C LEU A 226 28.05 16.88 10.38
N VAL A 227 27.62 15.60 10.36
CA VAL A 227 27.14 14.89 11.56
C VAL A 227 28.29 14.57 12.50
N ARG A 228 29.38 14.10 11.92
CA ARG A 228 30.59 13.88 12.69
C ARG A 228 30.91 15.10 13.57
N GLU A 229 31.03 16.27 12.95
CA GLU A 229 31.34 17.49 13.72
C GLU A 229 30.28 17.86 14.74
N ALA A 230 29.01 17.79 14.34
CA ALA A 230 27.88 18.13 15.23
C ALA A 230 27.82 17.26 16.48
N MET A 231 27.93 15.95 16.29
CA MET A 231 28.01 15.00 17.41
C MET A 231 29.26 15.19 18.25
N ALA A 232 30.38 15.46 17.58
CA ALA A 232 31.62 15.90 18.25
C ALA A 232 31.34 17.19 19.03
N GLY A 233 30.79 18.19 18.35
CA GLY A 233 30.35 19.45 18.94
C GLY A 233 29.52 19.22 20.19
N ALA A 234 28.64 18.23 20.13
CA ALA A 234 27.65 17.95 21.19
C ALA A 234 28.12 17.05 22.35
N GLY A 235 29.39 16.61 22.30
CA GLY A 235 29.99 15.83 23.38
C GLY A 235 29.83 14.32 23.30
N PHE A 236 29.59 13.80 22.09
CA PHE A 236 29.43 12.34 21.89
C PHE A 236 30.76 11.67 21.49
N ARG A 237 31.00 10.44 21.96
CA ARG A 237 32.13 9.59 21.46
C ARG A 237 31.73 8.68 20.28
N PRO A 238 32.53 8.69 19.19
CA PRO A 238 32.28 7.77 18.09
C PRO A 238 32.45 6.31 18.55
N LEU A 239 31.58 5.42 18.05
CA LEU A 239 31.57 4.01 18.44
C LEU A 239 31.87 3.11 17.25
N GLU A 240 31.31 3.44 16.09
CA GLU A 240 31.55 2.69 14.86
C GLU A 240 30.81 3.33 13.70
N GLU A 241 31.35 3.17 12.52
CA GLU A 241 30.71 3.63 11.32
C GLU A 241 30.44 2.39 10.49
N ALA A 242 29.22 2.27 9.98
CA ALA A 242 28.86 1.20 9.08
C ALA A 242 28.50 1.85 7.78
N ALA A 243 28.61 1.11 6.68
CA ALA A 243 28.32 1.68 5.37
C ALA A 243 27.65 0.66 4.45
N GLU A 244 26.95 1.17 3.44
CA GLU A 244 26.34 0.32 2.42
C GLU A 244 25.88 1.12 1.22
N GLY A 245 26.45 0.78 0.05
CA GLY A 245 26.33 1.64 -1.13
C GLY A 245 26.83 2.98 -0.68
N GLU A 246 26.09 4.04 -0.98
CA GLU A 246 26.48 5.43 -0.63
C GLU A 246 25.95 5.93 0.73
N TRP A 247 25.62 5.01 1.63
CA TRP A 247 24.92 5.35 2.87
C TRP A 247 25.75 4.93 4.06
N VAL A 248 25.77 5.75 5.08
CA VAL A 248 26.45 5.37 6.28
C VAL A 248 25.47 5.37 7.45
N LEU A 249 25.81 4.63 8.48
CA LEU A 249 25.18 4.80 9.77
C LEU A 249 26.35 5.17 10.68
N LEU A 250 26.18 6.20 11.52
CA LEU A 250 27.23 6.58 12.49
C LEU A 250 26.67 6.37 13.91
N ALA A 251 27.45 5.71 14.76
CA ALA A 251 26.98 5.26 16.08
C ALA A 251 27.80 5.98 17.15
N TYR A 252 27.15 6.49 18.20
CA TYR A 252 27.78 7.37 19.15
C TYR A 252 27.39 6.96 20.52
N GLY A 253 28.24 7.25 21.50
CA GLY A 253 27.95 6.90 22.87
C GLY A 253 27.87 8.16 23.66
N ARG A 254 26.93 8.19 24.60
CA ARG A 254 26.73 9.36 25.45
C ARG A 254 27.48 9.22 26.78
N MET B 1 17.72 0.35 -14.41
CA MET B 1 16.73 0.92 -15.38
C MET B 1 16.80 2.44 -15.48
N TRP B 2 17.69 2.91 -16.34
CA TRP B 2 17.84 4.34 -16.61
C TRP B 2 16.83 4.81 -17.67
N VAL B 3 16.46 6.10 -17.61
CA VAL B 3 15.39 6.63 -18.45
C VAL B 3 15.93 7.72 -19.38
N TYR B 4 15.78 7.51 -20.68
CA TYR B 4 16.10 8.51 -21.69
C TYR B 4 14.86 9.33 -22.06
N ARG B 5 14.97 10.65 -21.88
CA ARG B 5 13.85 11.60 -21.99
C ARG B 5 14.02 12.55 -23.17
N LEU B 6 13.09 12.46 -24.14
CA LEU B 6 13.20 13.18 -25.41
C LEU B 6 12.02 14.11 -25.68
N LYS B 7 12.27 15.19 -26.41
CA LYS B 7 11.22 16.12 -26.82
C LYS B 7 10.45 15.52 -28.01
N GLY B 8 9.13 15.47 -27.88
CA GLY B 8 8.26 15.04 -28.99
C GLY B 8 7.29 13.91 -28.70
N THR B 9 6.67 13.41 -29.77
CA THR B 9 5.73 12.28 -29.67
C THR B 9 6.28 11.03 -30.38
N LEU B 10 5.62 9.89 -30.11
CA LEU B 10 5.98 8.61 -30.73
C LEU B 10 5.96 8.64 -32.25
N GLU B 11 4.87 9.14 -32.85
CA GLU B 11 4.80 9.31 -34.29
C GLU B 11 5.92 10.24 -34.80
N ALA B 12 6.22 11.27 -34.02
CA ALA B 12 7.19 12.31 -34.40
C ALA B 12 8.64 11.81 -34.32
N LEU B 13 8.92 11.00 -33.30
CA LEU B 13 10.24 10.43 -33.08
C LEU B 13 10.49 9.08 -33.77
N ASP B 14 9.46 8.43 -34.33
CA ASP B 14 9.68 7.17 -35.10
C ASP B 14 11.02 7.13 -35.85
N PRO B 15 11.33 8.17 -36.66
CA PRO B 15 12.54 8.01 -37.49
C PRO B 15 13.83 7.70 -36.69
N ILE B 16 13.82 7.98 -35.38
CA ILE B 16 14.99 7.75 -34.52
C ILE B 16 14.93 6.53 -33.57
N LEU B 17 13.75 5.93 -33.42
CA LEU B 17 13.54 4.78 -32.51
C LEU B 17 14.58 3.63 -32.55
N PRO B 18 15.11 3.26 -33.74
CA PRO B 18 16.13 2.21 -33.78
C PRO B 18 17.44 2.56 -33.09
N GLY B 19 17.73 3.86 -32.96
CA GLY B 19 18.86 4.31 -32.17
C GLY B 19 18.67 3.97 -30.70
N LEU B 20 17.43 4.12 -30.21
CA LEU B 20 17.05 3.76 -28.85
C LEU B 20 16.99 2.22 -28.67
N PHE B 21 16.36 1.51 -29.61
CA PHE B 21 16.37 0.04 -29.63
C PHE B 21 17.78 -0.56 -29.73
N ASP B 22 18.65 0.06 -30.54
CA ASP B 22 20.08 -0.31 -30.60
C ASP B 22 20.80 -0.22 -29.26
N GLY B 23 20.55 0.85 -28.50
CA GLY B 23 21.10 0.97 -27.16
C GLY B 23 20.58 -0.09 -26.20
N GLY B 24 19.46 -0.73 -26.57
CA GLY B 24 18.85 -1.81 -25.77
C GLY B 24 17.54 -1.45 -25.08
N ALA B 25 16.68 -0.72 -25.80
CA ALA B 25 15.43 -0.22 -25.24
C ALA B 25 14.37 -1.30 -25.15
N ARG B 26 13.77 -1.41 -23.96
CA ARG B 26 12.69 -2.33 -23.68
C ARG B 26 11.38 -1.62 -23.42
N GLY B 27 11.42 -0.29 -23.31
CA GLY B 27 10.20 0.49 -23.08
C GLY B 27 10.17 1.94 -23.55
N LEU B 28 8.99 2.38 -24.00
CA LEU B 28 8.74 3.78 -24.38
C LEU B 28 7.38 4.24 -23.83
N TRP B 29 7.30 5.52 -23.43
CA TRP B 29 6.07 6.10 -22.85
C TRP B 29 5.97 7.60 -23.18
N GLU B 30 4.86 8.02 -23.79
CA GLU B 30 4.57 9.44 -24.01
C GLU B 30 4.11 10.16 -22.74
N ARG B 31 4.49 11.43 -22.60
CA ARG B 31 4.03 12.28 -21.50
C ARG B 31 3.51 13.66 -21.94
N GLU B 32 2.63 13.65 -22.96
CA GLU B 32 1.95 14.85 -23.50
C GLU B 32 2.87 16.04 -23.85
N GLY B 33 4.00 15.71 -24.49
CA GLY B 33 5.04 16.67 -24.84
C GLY B 33 6.43 16.06 -24.74
N GLU B 34 6.49 14.84 -24.22
CA GLU B 34 7.75 14.10 -24.09
C GLU B 34 7.58 12.61 -24.42
N VAL B 35 8.71 11.93 -24.56
CA VAL B 35 8.78 10.48 -24.76
C VAL B 35 9.86 9.91 -23.81
N TRP B 36 9.57 8.78 -23.19
CA TRP B 36 10.47 8.16 -22.20
C TRP B 36 10.95 6.77 -22.63
N ALA B 37 12.26 6.54 -22.54
CA ALA B 37 12.88 5.29 -23.00
C ALA B 37 13.63 4.50 -21.90
N PHE B 38 13.16 3.27 -21.63
CA PHE B 38 13.63 2.44 -20.52
C PHE B 38 14.62 1.36 -20.96
N PHE B 39 15.69 1.21 -20.16
CA PHE B 39 16.84 0.36 -20.47
C PHE B 39 17.24 -0.38 -19.20
N PRO B 40 17.93 -1.52 -19.32
CA PRO B 40 18.54 -2.09 -18.10
C PRO B 40 19.81 -1.34 -17.70
N ALA B 41 20.37 -0.57 -18.62
CA ALA B 41 21.64 0.14 -18.44
C ALA B 41 21.73 1.37 -19.35
N PRO B 42 22.30 2.49 -18.84
CA PRO B 42 22.45 3.70 -19.66
C PRO B 42 23.47 3.52 -20.78
N VAL B 43 23.40 4.37 -21.81
CA VAL B 43 24.35 4.36 -22.95
C VAL B 43 24.60 5.75 -23.55
N ASP B 44 25.31 5.78 -24.68
CA ASP B 44 25.58 7.04 -25.39
C ASP B 44 24.76 7.17 -26.69
N LEU B 45 23.88 8.17 -26.71
CA LEU B 45 22.92 8.36 -27.81
C LEU B 45 23.00 9.79 -28.35
N PRO B 46 23.07 9.95 -29.70
CA PRO B 46 23.31 11.26 -30.34
C PRO B 46 22.04 12.09 -30.63
N TYR B 47 21.04 12.03 -29.74
CA TYR B 47 19.70 12.57 -30.02
C TYR B 47 19.33 13.86 -29.29
N GLU B 48 19.96 14.09 -28.13
CA GLU B 48 19.83 15.30 -27.31
C GLU B 48 18.90 15.14 -26.10
N GLY B 49 18.93 13.94 -25.51
CA GLY B 49 18.18 13.63 -24.30
C GLY B 49 19.08 13.45 -23.08
N VAL B 50 18.45 13.27 -21.92
CA VAL B 50 19.15 13.18 -20.64
C VAL B 50 18.87 11.82 -19.95
N TRP B 51 19.79 11.41 -19.07
CA TRP B 51 19.70 10.12 -18.36
C TRP B 51 19.33 10.21 -16.88
N GLU B 52 18.39 9.37 -16.44
CA GLU B 52 17.91 9.39 -15.05
C GLU B 52 17.60 7.99 -14.48
N GLU B 53 18.09 7.73 -13.26
CA GLU B 53 17.86 6.45 -12.59
C GLU B 53 16.46 6.37 -11.95
N VAL B 54 15.77 5.25 -12.21
CA VAL B 54 14.47 4.97 -11.58
C VAL B 54 14.36 3.50 -11.19
N ASP B 58 9.45 7.39 -7.78
CA ASP B 58 9.51 6.15 -8.57
C ASP B 58 8.15 5.79 -9.18
N TRP B 59 7.99 4.51 -9.57
CA TRP B 59 6.76 4.01 -10.19
C TRP B 59 5.65 3.66 -9.18
N LEU B 60 5.87 4.00 -7.92
CA LEU B 60 4.81 4.01 -6.90
C LEU B 60 4.55 5.43 -6.41
N GLU B 61 5.61 6.23 -6.24
CA GLU B 61 5.43 7.66 -6.00
C GLU B 61 4.64 8.29 -7.16
N ALA B 62 4.94 7.85 -8.38
CA ALA B 62 4.20 8.28 -9.57
C ALA B 62 2.75 7.79 -9.53
N TRP B 63 2.55 6.62 -8.94
CA TRP B 63 1.23 6.02 -8.78
C TRP B 63 0.41 6.80 -7.76
N ARG B 64 1.05 7.12 -6.63
CA ARG B 64 0.46 7.83 -5.49
C ARG B 64 -0.09 9.21 -5.87
N ARG B 65 0.65 9.90 -6.73
CA ARG B 65 0.29 11.22 -7.23
C ARG B 65 -0.84 11.16 -8.27
N ASP B 66 -0.83 10.12 -9.11
CA ASP B 66 -1.85 9.94 -10.14
C ASP B 66 -3.17 9.41 -9.56
N LEU B 67 -3.16 9.06 -8.28
CA LEU B 67 -4.34 8.54 -7.60
C LEU B 67 -5.33 9.65 -7.21
N LYS B 68 -6.56 9.54 -7.69
CA LYS B 68 -7.62 10.50 -7.41
C LYS B 68 -8.71 9.90 -6.50
N PRO B 69 -9.40 10.75 -5.70
CA PRO B 69 -10.50 10.26 -4.86
C PRO B 69 -11.66 9.66 -5.67
N ALA B 70 -12.36 8.70 -5.09
CA ALA B 70 -13.43 8.03 -5.79
C ALA B 70 -14.79 8.48 -5.25
N LEU B 71 -15.54 9.21 -6.07
CA LEU B 71 -16.87 9.66 -5.67
C LEU B 71 -17.93 8.58 -5.77
N ALA B 72 -18.68 8.40 -4.68
CA ALA B 72 -19.79 7.49 -4.61
C ALA B 72 -20.85 8.10 -3.71
N PRO B 73 -21.49 9.22 -4.12
CA PRO B 73 -22.37 9.95 -3.21
C PRO B 73 -23.33 9.07 -2.38
N PRO B 74 -23.50 9.37 -1.07
CA PRO B 74 -23.02 10.52 -0.27
C PRO B 74 -21.53 10.48 0.15
N PHE B 75 -20.80 9.43 -0.21
CA PHE B 75 -19.36 9.23 0.13
C PHE B 75 -18.33 9.78 -0.84
N VAL B 76 -17.15 10.13 -0.31
CA VAL B 76 -15.87 10.16 -1.07
C VAL B 76 -14.86 9.18 -0.41
N VAL B 77 -14.24 8.35 -1.24
CA VAL B 77 -13.19 7.39 -0.81
C VAL B 77 -11.85 8.04 -1.11
N LEU B 78 -11.08 8.22 -0.04
CA LEU B 78 -9.91 9.05 0.01
C LEU B 78 -8.69 8.25 0.45
N ALA B 79 -7.56 8.39 -0.24
CA ALA B 79 -6.26 7.92 0.29
C ALA B 79 -5.81 8.81 1.48
N PRO B 80 -4.97 8.28 2.38
CA PRO B 80 -4.45 9.05 3.52
C PRO B 80 -3.92 10.47 3.23
N TRP B 81 -3.32 10.66 2.05
CA TRP B 81 -2.72 11.93 1.65
C TRP B 81 -3.67 12.85 0.85
N HIS B 82 -4.93 12.44 0.67
CA HIS B 82 -5.82 13.26 -0.16
C HIS B 82 -6.35 14.46 0.59
N THR B 83 -6.49 15.56 -0.13
CA THR B 83 -7.14 16.69 0.45
C THR B 83 -8.50 16.89 -0.18
N TRP B 84 -9.49 16.91 0.69
CA TRP B 84 -10.87 17.00 0.24
C TRP B 84 -11.76 17.83 1.15
N GLU B 85 -12.72 18.44 0.51
CA GLU B 85 -13.03 19.79 0.72
C GLU B 85 -14.32 20.14 1.48
N GLY B 86 -15.46 19.45 1.22
CA GLY B 86 -16.82 19.91 1.60
C GLY B 86 -17.92 19.14 2.39
N ALA B 87 -18.87 18.47 1.71
CA ALA B 87 -20.01 17.79 2.43
C ALA B 87 -20.27 16.31 2.21
N GLU B 88 -19.46 15.63 1.41
CA GLU B 88 -19.64 14.17 1.28
C GLU B 88 -19.04 13.46 2.46
N ILE B 89 -19.49 12.24 2.74
CA ILE B 89 -18.99 11.55 3.90
C ILE B 89 -17.60 11.03 3.50
N PRO B 90 -16.56 11.41 4.27
CA PRO B 90 -15.24 10.96 3.82
C PRO B 90 -14.99 9.50 4.27
N LEU B 91 -14.14 8.78 3.53
CA LEU B 91 -13.74 7.40 3.90
C LEU B 91 -12.28 7.35 3.59
N VAL B 92 -11.45 7.44 4.63
CA VAL B 92 -10.02 7.41 4.45
C VAL B 92 -9.61 5.94 4.47
N ILE B 93 -9.10 5.50 3.32
CA ILE B 93 -8.68 4.12 3.06
C ILE B 93 -7.32 4.14 2.37
N GLU B 94 -6.38 3.39 2.95
CA GLU B 94 -5.02 3.25 2.45
C GLU B 94 -5.03 2.36 1.21
N PRO B 95 -4.46 2.85 0.07
CA PRO B 95 -4.41 2.00 -1.12
C PRO B 95 -3.45 0.81 -0.99
N GLY B 96 -3.93 -0.40 -1.26
CA GLY B 96 -3.11 -1.61 -1.09
C GLY B 96 -3.91 -2.85 -1.42
N HIS B 104 -13.13 0.49 -7.22
CA HIS B 104 -13.80 -0.48 -8.06
C HIS B 104 -15.29 -0.17 -8.16
N GLU B 105 -15.86 -0.53 -9.32
CA GLU B 105 -17.29 -0.42 -9.58
C GLU B 105 -18.13 -1.08 -8.50
N THR B 106 -17.64 -2.20 -7.94
CA THR B 106 -18.42 -2.96 -6.93
C THR B 106 -18.47 -2.35 -5.53
N THR B 107 -17.37 -1.77 -5.08
CA THR B 107 -17.35 -0.98 -3.84
C THR B 107 -18.23 0.23 -3.96
N ARG B 108 -18.17 0.88 -5.11
CA ARG B 108 -18.99 2.09 -5.36
C ARG B 108 -20.49 1.74 -5.32
N LEU B 109 -20.87 0.59 -5.86
CA LEU B 109 -22.25 0.17 -5.84
C LEU B 109 -22.66 -0.16 -4.44
N ALA B 110 -21.77 -0.79 -3.68
CA ALA B 110 -22.06 -1.20 -2.30
C ALA B 110 -22.25 -0.02 -1.38
N LEU B 111 -21.39 0.99 -1.52
CA LEU B 111 -21.49 2.21 -0.73
C LEU B 111 -22.82 2.97 -0.91
N LYS B 112 -23.25 3.12 -2.16
CA LYS B 112 -24.53 3.77 -2.49
C LYS B 112 -25.72 2.94 -1.99
N ALA B 113 -25.64 1.63 -2.12
CA ALA B 113 -26.66 0.75 -1.59
C ALA B 113 -26.80 0.77 -0.05
N LEU B 114 -25.68 0.86 0.66
CA LEU B 114 -25.71 1.08 2.12
C LEU B 114 -26.43 2.38 2.53
N ALA B 115 -26.12 3.45 1.81
CA ALA B 115 -26.76 4.74 2.14
C ALA B 115 -28.31 4.66 1.97
N ARG B 116 -28.75 3.97 0.90
CA ARG B 116 -30.18 3.72 0.65
C ARG B 116 -30.88 2.89 1.72
N HIS B 117 -30.24 1.81 2.19
CA HIS B 117 -30.94 0.77 2.96
C HIS B 117 -30.69 0.76 4.47
N LEU B 118 -29.76 1.60 4.93
CA LEU B 118 -29.33 1.54 6.31
C LEU B 118 -30.04 2.56 7.20
N ARG B 119 -30.56 2.05 8.32
CA ARG B 119 -31.26 2.85 9.36
C ARG B 119 -30.35 2.96 10.56
N PRO B 120 -30.05 4.19 11.01
CA PRO B 120 -29.21 4.34 12.21
C PRO B 120 -29.65 3.36 13.31
N GLY B 121 -28.72 2.55 13.80
CA GLY B 121 -29.02 1.57 14.83
C GLY B 121 -29.00 0.13 14.34
N ASP B 122 -29.16 -0.08 13.04
CA ASP B 122 -29.02 -1.41 12.44
C ASP B 122 -27.77 -2.16 12.89
N LYS B 123 -27.87 -3.47 13.07
CA LYS B 123 -26.66 -4.31 13.16
C LYS B 123 -26.25 -4.75 11.76
N VAL B 124 -25.00 -4.44 11.38
CA VAL B 124 -24.48 -4.69 10.05
C VAL B 124 -23.42 -5.80 10.00
N LEU B 125 -23.63 -6.76 9.09
CA LEU B 125 -22.59 -7.71 8.75
C LEU B 125 -21.95 -7.31 7.41
N ASP B 126 -20.66 -6.97 7.44
CA ASP B 126 -19.82 -6.88 6.23
C ASP B 126 -19.04 -8.16 6.12
N LEU B 127 -19.36 -8.94 5.09
CA LEU B 127 -18.84 -10.27 4.92
C LEU B 127 -17.76 -10.23 3.86
N GLY B 128 -16.53 -10.59 4.22
CA GLY B 128 -15.44 -10.46 3.24
C GLY B 128 -14.94 -9.03 3.29
N THR B 129 -14.60 -8.61 4.50
CA THR B 129 -14.54 -7.19 4.80
C THR B 129 -13.31 -6.49 4.23
N GLY B 130 -12.23 -7.26 4.10
CA GLY B 130 -10.97 -6.84 3.52
C GLY B 130 -10.38 -5.68 4.26
N SER B 131 -10.25 -4.59 3.52
CA SER B 131 -9.80 -3.32 4.01
C SER B 131 -10.77 -2.68 5.01
N GLY B 132 -12.00 -3.23 5.14
CA GLY B 132 -12.99 -2.71 6.12
C GLY B 132 -13.79 -1.49 5.64
N VAL B 133 -13.60 -1.10 4.38
CA VAL B 133 -14.26 0.11 3.84
C VAL B 133 -15.76 0.17 4.04
N LEU B 134 -16.41 -0.98 3.90
CA LEU B 134 -17.86 -1.03 3.96
C LEU B 134 -18.35 -1.17 5.39
N ALA B 135 -17.55 -1.68 6.31
CA ALA B 135 -17.96 -1.71 7.71
C ALA B 135 -17.77 -0.32 8.30
N ILE B 136 -16.75 0.36 7.77
CA ILE B 136 -16.50 1.76 8.06
C ILE B 136 -17.60 2.68 7.53
N ALA B 137 -17.97 2.54 6.25
CA ALA B 137 -19.14 3.26 5.72
C ALA B 137 -20.41 3.08 6.56
N ALA B 138 -20.76 1.83 6.90
CA ALA B 138 -21.95 1.57 7.76
C ALA B 138 -21.92 2.32 9.09
N GLU B 139 -20.75 2.38 9.73
CA GLU B 139 -20.62 3.10 11.04
C GLU B 139 -20.86 4.60 10.92
N LYS B 140 -20.39 5.16 9.81
CA LYS B 140 -20.58 6.58 9.52
C LYS B 140 -22.08 6.94 9.36
N LEU B 141 -22.83 6.05 8.71
CA LEU B 141 -24.26 6.19 8.49
C LEU B 141 -25.10 5.82 9.73
N GLY B 142 -24.46 5.48 10.83
CA GLY B 142 -25.21 5.19 12.04
C GLY B 142 -25.38 3.73 12.41
N GLY B 143 -24.99 2.80 11.52
CA GLY B 143 -25.14 1.37 11.80
C GLY B 143 -24.07 0.88 12.75
N LYS B 144 -24.25 -0.30 13.34
CA LYS B 144 -23.23 -0.95 14.15
C LYS B 144 -22.70 -2.24 13.47
N ALA B 145 -21.50 -2.13 12.90
CA ALA B 145 -21.01 -3.05 11.89
C ALA B 145 -20.05 -4.05 12.45
N LEU B 146 -20.25 -5.32 12.12
CA LEU B 146 -19.21 -6.33 12.25
C LEU B 146 -18.66 -6.61 10.85
N GLY B 147 -17.34 -6.61 10.71
CA GLY B 147 -16.68 -7.04 9.47
C GLY B 147 -15.92 -8.32 9.77
N VAL B 148 -16.15 -9.38 8.96
CA VAL B 148 -15.36 -10.59 9.11
C VAL B 148 -14.53 -10.80 7.85
N ASP B 149 -13.38 -11.45 7.99
CA ASP B 149 -12.58 -11.89 6.85
C ASP B 149 -11.85 -13.19 7.25
N ILE B 150 -11.52 -14.05 6.27
CA ILE B 150 -10.87 -15.34 6.60
C ILE B 150 -9.35 -15.18 6.64
N ASP B 151 -8.85 -14.10 6.06
CA ASP B 151 -7.43 -13.75 6.09
C ASP B 151 -7.20 -12.82 7.30
N PRO B 152 -6.48 -13.29 8.33
CA PRO B 152 -6.32 -12.49 9.56
C PRO B 152 -5.30 -11.36 9.45
N MET B 153 -4.49 -11.35 8.39
CA MET B 153 -3.49 -10.30 8.15
C MET B 153 -4.12 -9.04 7.55
N VAL B 154 -5.34 -9.13 7.00
CA VAL B 154 -6.07 -7.88 6.65
C VAL B 154 -6.71 -7.16 7.84
N LEU B 155 -7.04 -7.89 8.89
CA LEU B 155 -7.77 -7.29 9.99
C LEU B 155 -7.03 -6.11 10.69
N PRO B 156 -5.72 -6.26 11.00
CA PRO B 156 -4.96 -5.08 11.46
C PRO B 156 -5.02 -3.90 10.47
N GLN B 157 -5.05 -4.17 9.17
CA GLN B 157 -5.24 -3.12 8.20
C GLN B 157 -6.68 -2.54 8.21
N ALA B 158 -7.67 -3.39 8.41
CA ALA B 158 -9.05 -2.95 8.58
C ALA B 158 -9.19 -2.09 9.85
N GLU B 159 -8.52 -2.49 10.92
CA GLU B 159 -8.37 -1.67 12.12
C GLU B 159 -7.69 -0.29 11.94
N ALA B 160 -6.54 -0.25 11.26
CA ALA B 160 -5.94 1.02 10.85
C ALA B 160 -6.88 2.00 10.09
N ASN B 161 -7.72 1.48 9.20
CA ASN B 161 -8.60 2.36 8.44
C ASN B 161 -9.68 2.85 9.35
N ALA B 162 -10.13 1.99 10.25
CA ALA B 162 -11.22 2.38 11.13
C ALA B 162 -10.80 3.58 11.95
N LYS B 163 -9.62 3.53 12.50
CA LYS B 163 -9.00 4.61 13.28
C LYS B 163 -8.84 5.94 12.54
N ARG B 164 -8.29 5.88 11.34
CA ARG B 164 -8.23 7.03 10.46
C ARG B 164 -9.59 7.65 10.10
N ASN B 165 -10.66 6.97 10.47
CA ASN B 165 -12.01 7.40 10.15
C ASN B 165 -12.82 7.70 11.42
N GLY B 166 -12.17 7.60 12.57
CA GLY B 166 -12.82 7.90 13.83
C GLY B 166 -14.03 7.04 14.08
N VAL B 167 -14.00 5.78 13.65
CA VAL B 167 -15.12 4.85 13.85
C VAL B 167 -14.57 3.58 14.45
N ARG B 168 -15.42 2.82 15.14
CA ARG B 168 -15.01 1.54 15.70
C ARG B 168 -15.93 0.37 15.31
N PRO B 169 -15.92 -0.02 14.00
CA PRO B 169 -16.60 -1.29 13.74
C PRO B 169 -15.75 -2.37 14.43
N ARG B 170 -16.35 -3.49 14.82
CA ARG B 170 -15.55 -4.64 15.25
C ARG B 170 -15.18 -5.51 14.08
N PHE B 171 -14.01 -6.13 14.15
CA PHE B 171 -13.42 -6.95 13.09
C PHE B 171 -13.00 -8.28 13.70
N LEU B 172 -13.38 -9.37 13.03
CA LEU B 172 -13.32 -10.70 13.61
C LEU B 172 -12.85 -11.63 12.52
N GLU B 173 -11.93 -12.52 12.84
CA GLU B 173 -11.42 -13.44 11.84
C GLU B 173 -12.43 -14.56 11.66
N GLY B 174 -12.69 -14.94 10.40
CA GLY B 174 -13.69 -15.97 10.08
C GLY B 174 -14.62 -15.69 8.92
N SER B 175 -15.59 -16.58 8.76
CA SER B 175 -16.51 -16.51 7.66
C SER B 175 -17.93 -16.21 8.17
N LEU B 176 -18.94 -16.45 7.35
CA LEU B 176 -20.30 -16.26 7.80
C LEU B 176 -20.59 -17.04 9.08
N GLU B 177 -20.00 -18.24 9.21
CA GLU B 177 -20.17 -19.10 10.40
C GLU B 177 -19.73 -18.38 11.68
N ALA B 178 -18.58 -17.71 11.59
CA ALA B 178 -18.03 -16.96 12.72
C ALA B 178 -18.88 -15.76 13.15
N ALA B 179 -19.72 -15.24 12.26
CA ALA B 179 -20.48 -14.01 12.53
C ALA B 179 -21.86 -14.25 13.16
N LEU B 180 -22.47 -15.40 12.88
CA LEU B 180 -23.80 -15.75 13.40
C LEU B 180 -23.91 -15.74 14.93
N PRO B 181 -22.89 -16.24 15.66
CA PRO B 181 -22.94 -16.03 17.11
C PRO B 181 -23.14 -14.56 17.52
N PHE B 182 -22.86 -13.62 16.63
CA PHE B 182 -22.97 -12.19 16.94
C PHE B 182 -24.21 -11.50 16.36
N GLY B 183 -25.09 -12.29 15.74
CA GLY B 183 -26.33 -11.78 15.15
C GLY B 183 -27.54 -12.02 16.03
N PRO B 184 -28.76 -12.02 15.43
CA PRO B 184 -29.04 -11.84 14.01
C PRO B 184 -28.84 -10.38 13.55
N PHE B 185 -28.70 -10.14 12.25
CA PHE B 185 -28.38 -8.80 11.72
C PHE B 185 -29.57 -8.16 11.03
N ASP B 186 -29.53 -6.83 10.96
CA ASP B 186 -30.56 -6.07 10.27
C ASP B 186 -30.15 -5.88 8.81
N LEU B 187 -28.85 -6.05 8.54
CA LEU B 187 -28.29 -5.84 7.21
C LEU B 187 -27.00 -6.61 7.02
N LEU B 188 -26.82 -7.13 5.81
CA LEU B 188 -25.64 -7.82 5.39
C LEU B 188 -25.24 -7.17 4.09
N VAL B 189 -24.02 -6.65 4.03
CA VAL B 189 -23.41 -6.24 2.76
C VAL B 189 -22.27 -7.23 2.44
N ALA B 190 -22.24 -7.71 1.21
CA ALA B 190 -21.22 -8.67 0.83
C ALA B 190 -20.74 -8.45 -0.59
N ASN B 191 -19.48 -8.12 -0.75
CA ASN B 191 -18.87 -7.98 -2.08
C ASN B 191 -18.06 -9.25 -2.38
N LEU B 192 -18.72 -10.28 -2.94
CA LEU B 192 -18.16 -11.62 -3.08
C LEU B 192 -18.15 -12.01 -4.57
N TYR B 193 -18.87 -13.06 -4.97
CA TYR B 193 -18.99 -13.43 -6.38
C TYR B 193 -20.20 -14.31 -6.50
N ALA B 194 -20.79 -14.40 -7.70
CA ALA B 194 -22.09 -15.11 -7.89
C ALA B 194 -22.20 -16.48 -7.23
N GLU B 195 -21.21 -17.31 -7.46
CA GLU B 195 -21.22 -18.71 -7.01
C GLU B 195 -21.24 -18.81 -5.49
N LEU B 196 -20.51 -17.90 -4.82
CA LEU B 196 -20.40 -17.97 -3.37
C LEU B 196 -21.67 -17.46 -2.73
N HIS B 197 -22.27 -16.36 -3.22
CA HIS B 197 -23.62 -16.00 -2.75
C HIS B 197 -24.67 -17.12 -2.98
N ALA B 198 -24.65 -17.79 -4.12
CA ALA B 198 -25.57 -18.93 -4.34
C ALA B 198 -25.43 -20.03 -3.26
N ALA B 199 -24.19 -20.47 -3.00
CA ALA B 199 -23.90 -21.49 -1.99
C ALA B 199 -24.18 -21.03 -0.55
N LEU B 200 -24.21 -19.72 -0.34
CA LEU B 200 -24.44 -19.10 0.97
C LEU B 200 -25.85 -18.64 1.21
N ALA B 201 -26.60 -18.34 0.15
CA ALA B 201 -28.00 -17.89 0.28
C ALA B 201 -28.85 -18.50 1.44
N PRO B 202 -28.95 -19.86 1.55
CA PRO B 202 -29.70 -20.44 2.70
C PRO B 202 -29.16 -20.10 4.12
N ARG B 203 -27.86 -19.85 4.22
CA ARG B 203 -27.23 -19.43 5.47
C ARG B 203 -27.32 -17.91 5.69
N TYR B 204 -27.39 -17.12 4.61
CA TYR B 204 -27.76 -15.69 4.72
C TYR B 204 -29.05 -15.48 5.51
N ARG B 205 -30.01 -16.40 5.36
CA ARG B 205 -31.32 -16.19 5.96
C ARG B 205 -31.31 -16.43 7.48
N GLU B 206 -30.52 -17.40 7.93
CA GLU B 206 -30.30 -17.64 9.37
C GLU B 206 -29.59 -16.47 10.04
N ALA B 207 -28.91 -15.64 9.24
CA ALA B 207 -28.11 -14.50 9.69
C ALA B 207 -28.92 -13.22 9.85
N LEU B 208 -29.96 -13.07 9.04
CA LEU B 208 -30.83 -11.92 9.11
C LEU B 208 -32.06 -12.13 10.01
N VAL B 209 -32.45 -11.06 10.70
CA VAL B 209 -33.73 -10.98 11.41
C VAL B 209 -34.85 -10.95 10.35
N PRO B 210 -36.09 -11.32 10.74
CA PRO B 210 -37.25 -11.02 9.89
C PRO B 210 -37.30 -9.50 9.62
N GLY B 211 -37.42 -9.13 8.34
CA GLY B 211 -37.36 -7.73 7.94
C GLY B 211 -35.98 -7.28 7.49
N GLY B 212 -34.95 -8.09 7.78
CA GLY B 212 -33.55 -7.83 7.34
C GLY B 212 -33.36 -7.64 5.83
N ARG B 213 -32.21 -7.10 5.43
CA ARG B 213 -31.87 -6.90 4.01
C ARG B 213 -30.46 -7.45 3.71
N ALA B 214 -30.27 -7.93 2.48
CA ALA B 214 -29.01 -8.42 1.99
C ALA B 214 -28.64 -7.56 0.82
N LEU B 215 -27.41 -7.06 0.82
CA LEU B 215 -26.89 -6.33 -0.32
C LEU B 215 -25.69 -7.07 -0.84
N LEU B 216 -25.83 -7.55 -2.06
CA LEU B 216 -25.00 -8.60 -2.66
C LEU B 216 -24.32 -8.10 -3.92
N THR B 217 -23.00 -7.96 -3.93
CA THR B 217 -22.32 -7.47 -5.12
C THR B 217 -21.06 -8.31 -5.39
N GLY B 218 -20.17 -7.81 -6.24
CA GLY B 218 -19.12 -8.61 -6.83
C GLY B 218 -19.73 -9.50 -7.92
N ILE B 219 -21.00 -9.29 -8.22
CA ILE B 219 -21.70 -10.06 -9.26
C ILE B 219 -21.60 -9.45 -10.68
N LEU B 220 -21.04 -10.23 -11.61
CA LEU B 220 -21.12 -9.91 -13.05
C LEU B 220 -22.58 -10.03 -13.54
N LYS B 221 -23.06 -9.05 -14.31
CA LYS B 221 -24.41 -9.08 -14.92
C LYS B 221 -24.86 -10.47 -15.42
N ASP B 222 -23.98 -11.10 -16.21
CA ASP B 222 -24.29 -12.34 -16.94
C ASP B 222 -24.34 -13.53 -16.02
N ARG B 223 -24.11 -13.32 -14.72
CA ARG B 223 -24.15 -14.40 -13.74
C ARG B 223 -25.13 -14.11 -12.60
N ALA B 224 -25.78 -12.96 -12.65
CA ALA B 224 -26.84 -12.64 -11.68
C ALA B 224 -27.96 -13.69 -11.53
N PRO B 225 -28.45 -14.29 -12.65
CA PRO B 225 -29.47 -15.35 -12.50
C PRO B 225 -29.18 -16.40 -11.41
N LEU B 226 -27.95 -16.87 -11.31
CA LEU B 226 -27.57 -17.80 -10.27
C LEU B 226 -28.00 -17.31 -8.89
N VAL B 227 -27.74 -16.01 -8.61
CA VAL B 227 -28.02 -15.35 -7.33
C VAL B 227 -29.51 -15.07 -7.18
N ARG B 228 -30.09 -14.43 -8.19
CA ARG B 228 -31.55 -14.26 -8.26
C ARG B 228 -32.29 -15.56 -7.88
N GLU B 229 -31.92 -16.65 -8.53
CA GLU B 229 -32.50 -17.96 -8.29
C GLU B 229 -32.17 -18.51 -6.91
N ALA B 230 -30.88 -18.48 -6.54
CA ALA B 230 -30.48 -19.00 -5.23
C ALA B 230 -31.26 -18.34 -4.09
N MET B 231 -31.46 -17.02 -4.15
CA MET B 231 -32.09 -16.25 -3.07
C MET B 231 -33.58 -16.58 -2.87
N ALA B 232 -34.31 -16.72 -3.97
CA ALA B 232 -35.69 -17.24 -3.92
C ALA B 232 -35.81 -18.62 -3.25
N GLY B 233 -34.93 -19.54 -3.64
CA GLY B 233 -34.83 -20.87 -3.01
C GLY B 233 -34.60 -20.89 -1.49
N ALA B 234 -33.89 -19.89 -0.98
CA ALA B 234 -33.63 -19.74 0.45
C ALA B 234 -34.71 -18.90 1.14
N GLY B 235 -35.62 -18.34 0.33
CA GLY B 235 -36.83 -17.69 0.84
C GLY B 235 -36.72 -16.19 0.99
N PHE B 236 -35.76 -15.58 0.31
CA PHE B 236 -35.70 -14.11 0.23
C PHE B 236 -36.73 -13.58 -0.78
N ARG B 237 -37.00 -12.28 -0.68
CA ARG B 237 -37.87 -11.52 -1.56
C ARG B 237 -37.00 -10.35 -2.08
N PRO B 238 -36.92 -10.17 -3.41
CA PRO B 238 -36.10 -9.15 -4.12
C PRO B 238 -36.61 -7.72 -3.95
N LEU B 239 -35.67 -6.76 -4.04
CA LEU B 239 -35.91 -5.32 -3.66
C LEU B 239 -35.44 -4.26 -4.66
N GLU B 240 -34.19 -4.33 -5.08
CA GLU B 240 -33.69 -3.44 -6.13
C GLU B 240 -32.46 -4.06 -6.77
N GLU B 241 -32.18 -3.69 -8.02
CA GLU B 241 -30.93 -4.06 -8.68
C GLU B 241 -30.31 -2.79 -9.19
N ALA B 242 -28.99 -2.69 -9.02
CA ALA B 242 -28.21 -1.54 -9.47
C ALA B 242 -27.08 -2.08 -10.25
N ALA B 243 -26.57 -1.29 -11.19
CA ALA B 243 -25.55 -1.74 -12.10
C ALA B 243 -24.54 -0.64 -12.31
N GLU B 244 -23.31 -1.05 -12.63
CA GLU B 244 -22.25 -0.13 -13.04
C GLU B 244 -21.22 -0.91 -13.86
N GLY B 245 -21.18 -0.65 -15.17
CA GLY B 245 -20.32 -1.41 -16.10
C GLY B 245 -20.85 -2.83 -16.26
N GLU B 246 -19.97 -3.83 -16.30
CA GLU B 246 -20.41 -5.23 -16.27
C GLU B 246 -20.48 -5.79 -14.85
N TRP B 247 -20.94 -4.98 -13.88
CA TRP B 247 -21.13 -5.40 -12.47
C TRP B 247 -22.48 -4.96 -11.92
N VAL B 248 -23.02 -5.73 -10.99
CA VAL B 248 -24.32 -5.42 -10.42
C VAL B 248 -24.33 -5.62 -8.93
N LEU B 249 -25.35 -5.09 -8.28
CA LEU B 249 -25.61 -5.34 -6.88
C LEU B 249 -27.07 -5.72 -6.79
N LEU B 250 -27.33 -6.77 -6.05
CA LEU B 250 -28.68 -7.24 -5.93
C LEU B 250 -29.10 -7.14 -4.45
N ALA B 251 -30.27 -6.52 -4.20
CA ALA B 251 -30.75 -6.29 -2.82
C ALA B 251 -32.05 -7.05 -2.52
N TYR B 252 -32.10 -7.72 -1.37
CA TYR B 252 -33.14 -8.70 -1.02
C TYR B 252 -33.63 -8.47 0.40
N GLY B 253 -34.87 -8.86 0.68
CA GLY B 253 -35.49 -8.74 2.03
C GLY B 253 -35.92 -10.08 2.60
N ARG B 254 -35.68 -10.28 3.90
CA ARG B 254 -35.99 -11.57 4.56
C ARG B 254 -37.16 -11.58 5.60
#